data_7AVY
#
_entry.id   7AVY
#
_cell.length_a   68.890
_cell.length_b   68.890
_cell.length_c   177.580
_cell.angle_alpha   90.000
_cell.angle_beta   90.000
_cell.angle_gamma   120.000
#
_symmetry.space_group_name_H-M   'P 31 1 2'
#
loop_
_entity.id
_entity.type
_entity.pdbx_description
1 polymer 'Tyrosine-protein kinase Mer'
2 non-polymer N-(2-(2-cyclopropylethoxy)pyrimidin-5-yl)-7-methoxy-6-(piperidin-4-ylmethoxy)quinazolin-4-amine
3 non-polymer 'SULFATE ION'
4 water water
#
_entity_poly.entity_id   1
_entity_poly.type   'polypeptide(L)'
_entity_poly.pdbx_seq_one_letter_code
;GSEELQNKLEDVVIDRNLLILGKILGEGEFGSVMEGNLKQEDGTSLKVAVKTMKLDNSSQREIEEFLSEAACMKDFSHPN
VIRLLGVCIEMSSQGIPKPMVILPFMKYGDLHTYLLYSRLETGPKHIPLQTLLKFMVDIALGMEYLSNRNFLHRDLAARN
CMLRDDMTVCVADFGLSKKIYSGDYYRQGRIAKMPVKWIAIESLADRVYTSKSDVWAFGVTMWEIATRGMTPYPGVQNHE
MYDYLLHGHRLKQPEDCLDELYEIMYSCWRTDPLDRPTFSVLRLQLEKLLESLPDV
;
_entity_poly.pdbx_strand_id   A
#
# COMPACT_ATOMS: atom_id res chain seq x y z
N LYS A 8 28.00 3.20 -8.75
CA LYS A 8 26.81 2.38 -8.92
C LYS A 8 26.48 1.57 -7.66
N LEU A 9 25.17 1.23 -7.49
CA LEU A 9 24.64 0.44 -6.37
C LEU A 9 23.87 -0.77 -6.97
N GLU A 10 24.65 -1.81 -7.37
CA GLU A 10 24.18 -3.05 -8.01
C GLU A 10 24.02 -4.22 -7.02
N ASP A 11 23.67 -3.85 -5.75
CA ASP A 11 23.34 -4.73 -4.63
C ASP A 11 21.87 -5.06 -4.82
N VAL A 12 21.17 -4.20 -5.61
CA VAL A 12 19.75 -4.29 -5.97
C VAL A 12 19.46 -5.42 -7.00
N VAL A 13 20.40 -5.70 -7.92
CA VAL A 13 20.22 -6.73 -8.95
C VAL A 13 20.61 -8.12 -8.44
N ILE A 14 19.67 -9.09 -8.49
CA ILE A 14 19.90 -10.48 -8.07
C ILE A 14 20.03 -11.39 -9.31
N ASP A 15 20.98 -12.37 -9.26
CA ASP A 15 21.18 -13.35 -10.31
C ASP A 15 19.91 -14.14 -10.49
N ARG A 16 19.31 -14.05 -11.69
CA ARG A 16 18.08 -14.70 -12.09
C ARG A 16 18.09 -16.23 -11.87
N ASN A 17 19.26 -16.90 -11.97
CA ASN A 17 19.38 -18.36 -11.76
C ASN A 17 19.15 -18.79 -10.28
N LEU A 18 19.21 -17.83 -9.33
CA LEU A 18 18.97 -18.04 -7.89
C LEU A 18 17.46 -18.03 -7.54
N LEU A 19 16.58 -17.85 -8.55
CA LEU A 19 15.14 -17.73 -8.33
C LEU A 19 14.34 -18.79 -9.09
N ILE A 20 13.40 -19.45 -8.37
CA ILE A 20 12.47 -20.47 -8.89
C ILE A 20 11.05 -19.96 -8.65
N LEU A 21 10.30 -19.73 -9.75
CA LEU A 21 8.92 -19.21 -9.72
C LEU A 21 7.83 -20.28 -9.53
N GLY A 22 6.93 -20.04 -8.57
CA GLY A 22 5.83 -20.94 -8.19
C GLY A 22 4.42 -20.43 -8.49
N LYS A 23 3.45 -20.82 -7.62
CA LYS A 23 2.03 -20.55 -7.81
C LYS A 23 1.64 -19.07 -7.66
N ILE A 24 0.71 -18.65 -8.53
CA ILE A 24 0.19 -17.29 -8.64
C ILE A 24 -0.69 -16.92 -7.46
N LEU A 25 -0.37 -15.78 -6.84
CA LEU A 25 -1.19 -15.23 -5.76
C LEU A 25 -2.29 -14.36 -6.35
N GLY A 26 -1.97 -13.56 -7.37
CA GLY A 26 -2.92 -12.68 -8.04
C GLY A 26 -2.49 -12.14 -9.39
N GLU A 27 -3.46 -11.91 -10.31
CA GLU A 27 -3.19 -11.39 -11.67
C GLU A 27 -3.85 -10.04 -11.92
N GLY A 28 -3.05 -8.98 -12.01
CA GLY A 28 -3.49 -7.62 -12.28
C GLY A 28 -3.39 -7.23 -13.76
N GLU A 29 -3.58 -5.92 -14.07
CA GLU A 29 -3.50 -5.39 -15.44
C GLU A 29 -2.02 -5.14 -15.79
N PHE A 30 -1.26 -4.57 -14.80
CA PHE A 30 0.17 -4.27 -14.86
C PHE A 30 0.97 -5.58 -14.99
N GLY A 31 0.94 -6.39 -13.93
CA GLY A 31 1.61 -7.68 -13.88
C GLY A 31 0.92 -8.73 -13.03
N SER A 32 1.70 -9.51 -12.31
CA SER A 32 1.23 -10.61 -11.47
C SER A 32 2.05 -10.69 -10.21
N VAL A 33 1.52 -11.38 -9.20
CA VAL A 33 2.18 -11.66 -7.91
C VAL A 33 2.21 -13.18 -7.79
N MET A 34 3.37 -13.73 -7.47
CA MET A 34 3.52 -15.18 -7.33
C MET A 34 4.45 -15.59 -6.22
N GLU A 35 4.25 -16.83 -5.75
CA GLU A 35 5.10 -17.47 -4.77
C GLU A 35 6.43 -17.81 -5.49
N GLY A 36 7.51 -17.89 -4.74
CA GLY A 36 8.82 -18.22 -5.28
C GLY A 36 9.83 -18.60 -4.24
N ASN A 37 10.96 -19.18 -4.70
CA ASN A 37 12.07 -19.58 -3.83
C ASN A 37 13.36 -18.89 -4.26
N LEU A 38 14.07 -18.28 -3.30
CA LEU A 38 15.32 -17.57 -3.54
C LEU A 38 16.55 -18.26 -2.86
N LYS A 39 17.49 -18.80 -3.68
CA LYS A 39 18.71 -19.50 -3.24
C LYS A 39 19.60 -18.71 -2.28
N GLN A 40 19.69 -17.37 -2.46
CA GLN A 40 20.48 -16.45 -1.61
C GLN A 40 21.93 -16.89 -1.33
N ASP A 42 25.60 -19.43 0.30
CA ASP A 42 24.77 -20.14 1.26
C ASP A 42 23.91 -21.20 0.56
N GLY A 43 24.11 -22.45 0.96
CA GLY A 43 23.39 -23.62 0.42
C GLY A 43 21.87 -23.62 0.62
N THR A 44 21.37 -22.92 1.67
CA THR A 44 19.96 -22.84 2.07
C THR A 44 19.05 -22.12 1.03
N SER A 45 17.74 -21.96 1.37
CA SER A 45 16.75 -21.31 0.50
C SER A 45 15.78 -20.39 1.29
N LEU A 46 14.91 -19.64 0.59
CA LEU A 46 13.97 -18.71 1.22
C LEU A 46 12.70 -18.49 0.38
N LYS A 47 11.52 -18.56 1.03
CA LYS A 47 10.21 -18.33 0.41
C LYS A 47 10.04 -16.84 0.19
N VAL A 48 9.72 -16.45 -1.05
CA VAL A 48 9.56 -15.04 -1.42
C VAL A 48 8.28 -14.77 -2.20
N ALA A 49 7.95 -13.47 -2.32
CA ALA A 49 6.84 -12.94 -3.09
C ALA A 49 7.44 -12.22 -4.29
N VAL A 50 6.98 -12.57 -5.50
CA VAL A 50 7.56 -11.99 -6.72
C VAL A 50 6.53 -11.18 -7.50
N LYS A 51 6.82 -9.88 -7.74
CA LYS A 51 5.95 -9.01 -8.52
C LYS A 51 6.53 -8.68 -9.90
N THR A 52 5.95 -9.25 -10.95
CA THR A 52 6.38 -9.02 -12.32
C THR A 52 5.69 -7.81 -12.92
N MET A 53 6.40 -7.09 -13.77
CA MET A 53 5.88 -5.92 -14.49
C MET A 53 6.42 -5.99 -15.89
N LYS A 54 5.87 -5.16 -16.80
CA LYS A 54 6.33 -5.07 -18.19
C LYS A 54 6.47 -3.59 -18.56
N LEU A 55 7.73 -3.13 -18.65
CA LEU A 55 8.08 -1.74 -18.97
C LEU A 55 7.82 -1.41 -20.44
N ASP A 56 8.40 -0.28 -20.89
CA ASP A 56 8.42 0.23 -22.26
C ASP A 56 9.75 0.99 -22.42
N ASN A 57 10.12 1.39 -23.65
CA ASN A 57 11.38 2.06 -23.98
C ASN A 57 12.54 1.06 -23.80
N SER A 58 12.91 0.35 -24.91
CA SER A 58 13.97 -0.65 -24.98
C SER A 58 15.34 -0.13 -24.50
N SER A 59 15.55 1.20 -24.63
CA SER A 59 16.77 1.89 -24.20
C SER A 59 16.90 2.01 -22.68
N GLN A 60 18.12 2.33 -22.22
CA GLN A 60 18.51 2.47 -20.82
C GLN A 60 17.66 3.46 -20.00
N ARG A 61 17.23 4.58 -20.62
CA ARG A 61 16.46 5.66 -20.01
C ARG A 61 15.37 5.21 -19.03
N GLU A 62 14.44 4.34 -19.48
CA GLU A 62 13.34 3.85 -18.65
C GLU A 62 13.75 2.82 -17.60
N ILE A 63 14.62 1.86 -17.96
CA ILE A 63 15.07 0.79 -17.06
C ILE A 63 16.02 1.34 -15.95
N GLU A 64 16.94 2.28 -16.29
CA GLU A 64 17.88 2.90 -15.34
C GLU A 64 17.14 3.71 -14.27
N GLU A 65 16.07 4.45 -14.69
CA GLU A 65 15.22 5.26 -13.83
C GLU A 65 14.43 4.37 -12.87
N PHE A 66 14.05 3.16 -13.34
CA PHE A 66 13.35 2.16 -12.56
C PHE A 66 14.34 1.54 -11.57
N LEU A 67 15.58 1.27 -12.02
CA LEU A 67 16.66 0.69 -11.23
C LEU A 67 17.04 1.61 -10.08
N SER A 68 17.13 2.93 -10.37
CA SER A 68 17.46 3.97 -9.41
C SER A 68 16.41 4.01 -8.29
N GLU A 69 15.12 3.89 -8.67
CA GLU A 69 13.98 3.88 -7.76
C GLU A 69 13.93 2.59 -6.93
N ALA A 70 14.45 1.49 -7.47
CA ALA A 70 14.51 0.17 -6.83
C ALA A 70 15.60 0.19 -5.76
N ALA A 71 16.72 0.87 -6.06
CA ALA A 71 17.86 1.03 -5.17
C ALA A 71 17.45 1.85 -3.92
N CYS A 72 16.59 2.87 -4.14
CA CYS A 72 16.03 3.72 -3.10
C CYS A 72 15.23 2.88 -2.09
N MET A 73 14.24 2.11 -2.57
CA MET A 73 13.38 1.23 -1.77
C MET A 73 14.16 0.13 -1.02
N LYS A 74 15.22 -0.43 -1.64
CA LYS A 74 16.05 -1.45 -1.00
C LYS A 74 16.79 -0.86 0.24
N ASP A 75 17.36 0.35 0.08
CA ASP A 75 18.07 1.07 1.13
C ASP A 75 17.16 1.58 2.28
N PHE A 76 15.83 1.39 2.20
CA PHE A 76 14.90 1.74 3.29
C PHE A 76 14.97 0.66 4.37
N SER A 77 14.67 1.03 5.65
CA SER A 77 14.65 0.07 6.75
C SER A 77 13.78 0.53 7.90
N HIS A 78 12.52 0.04 7.90
CA HIS A 78 11.47 0.34 8.88
C HIS A 78 10.46 -0.82 9.03
N PRO A 79 10.07 -1.21 10.28
CA PRO A 79 9.10 -2.34 10.45
C PRO A 79 7.76 -2.20 9.74
N ASN A 80 7.31 -0.95 9.53
CA ASN A 80 6.02 -0.66 8.91
C ASN A 80 6.10 -0.33 7.40
N VAL A 81 7.27 -0.57 6.78
CA VAL A 81 7.48 -0.42 5.32
C VAL A 81 8.03 -1.74 4.82
N ILE A 82 7.38 -2.38 3.81
CA ILE A 82 7.85 -3.67 3.26
C ILE A 82 9.35 -3.62 2.82
N ARG A 83 10.11 -4.67 3.13
CA ARG A 83 11.49 -4.67 2.66
C ARG A 83 11.61 -5.25 1.25
N LEU A 84 12.35 -4.56 0.37
CA LEU A 84 12.60 -4.94 -1.01
C LEU A 84 13.97 -5.64 -1.04
N LEU A 85 13.95 -6.98 -1.25
CA LEU A 85 15.15 -7.82 -1.27
C LEU A 85 16.06 -7.55 -2.46
N GLY A 86 15.45 -7.41 -3.63
CA GLY A 86 16.15 -7.13 -4.87
C GLY A 86 15.25 -7.21 -6.08
N VAL A 87 15.86 -7.07 -7.26
CA VAL A 87 15.21 -7.06 -8.56
C VAL A 87 16.01 -7.90 -9.57
N CYS A 88 15.33 -8.83 -10.28
CA CYS A 88 15.88 -9.59 -11.40
C CYS A 88 15.31 -8.93 -12.64
N ILE A 89 16.10 -8.84 -13.69
CA ILE A 89 15.59 -8.30 -14.94
C ILE A 89 15.92 -9.27 -16.06
N GLU A 90 14.86 -9.82 -16.69
CA GLU A 90 14.92 -10.72 -17.84
C GLU A 90 14.16 -10.06 -18.99
N MET A 91 14.56 -10.31 -20.25
CA MET A 91 13.84 -9.78 -21.43
C MET A 91 12.68 -10.73 -21.74
N SER A 92 11.50 -10.18 -22.11
CA SER A 92 10.32 -10.99 -22.42
C SER A 92 10.43 -11.62 -23.80
N SER A 93 9.53 -12.58 -24.08
CA SER A 93 9.42 -13.30 -25.35
C SER A 93 9.17 -12.36 -26.58
N GLN A 94 8.89 -11.05 -26.31
CA GLN A 94 8.62 -10.02 -27.32
C GLN A 94 9.74 -8.95 -27.46
N GLY A 95 10.75 -8.99 -26.59
CA GLY A 95 11.85 -8.03 -26.60
C GLY A 95 11.72 -6.90 -25.58
N ILE A 96 10.69 -6.96 -24.72
CA ILE A 96 10.38 -5.95 -23.71
C ILE A 96 11.10 -6.29 -22.38
N PRO A 97 11.66 -5.31 -21.61
CA PRO A 97 12.24 -5.65 -20.29
C PRO A 97 11.15 -6.02 -19.29
N LYS A 98 11.40 -7.08 -18.52
CA LYS A 98 10.45 -7.59 -17.55
C LYS A 98 11.12 -7.56 -16.15
N PRO A 99 10.98 -6.46 -15.36
CA PRO A 99 11.57 -6.47 -14.01
C PRO A 99 10.73 -7.29 -13.06
N MET A 100 11.39 -8.04 -12.19
CA MET A 100 10.74 -8.89 -11.21
C MET A 100 11.25 -8.41 -9.87
N VAL A 101 10.36 -7.77 -9.09
CA VAL A 101 10.69 -7.24 -7.76
C VAL A 101 10.44 -8.36 -6.74
N ILE A 102 11.42 -8.57 -5.87
CA ILE A 102 11.46 -9.63 -4.86
C ILE A 102 11.34 -9.01 -3.52
N LEU A 103 10.35 -9.50 -2.74
CA LEU A 103 9.99 -9.07 -1.39
C LEU A 103 9.90 -10.33 -0.48
N PRO A 104 9.89 -10.22 0.88
CA PRO A 104 9.66 -11.43 1.69
C PRO A 104 8.20 -11.92 1.51
N PHE A 105 7.98 -13.25 1.54
CA PHE A 105 6.67 -13.86 1.45
C PHE A 105 5.94 -13.61 2.77
N MET A 106 4.73 -13.01 2.68
CA MET A 106 3.85 -12.65 3.80
C MET A 106 2.69 -13.67 3.92
N LYS A 107 2.89 -14.71 4.79
CA LYS A 107 1.92 -15.80 5.00
C LYS A 107 0.53 -15.34 5.50
N TYR A 108 0.45 -14.27 6.30
CA TYR A 108 -0.86 -13.82 6.76
C TYR A 108 -1.64 -13.03 5.70
N GLY A 109 -0.96 -12.68 4.59
CA GLY A 109 -1.52 -11.98 3.43
C GLY A 109 -1.82 -10.51 3.60
N ASP A 110 -2.64 -9.95 2.68
CA ASP A 110 -3.00 -8.54 2.74
C ASP A 110 -4.03 -8.24 3.82
N LEU A 111 -4.08 -6.96 4.22
CA LEU A 111 -4.95 -6.47 5.27
C LEU A 111 -6.44 -6.48 4.86
N HIS A 112 -6.74 -6.15 3.58
CA HIS A 112 -8.10 -6.13 3.05
C HIS A 112 -8.77 -7.52 3.16
N THR A 113 -8.12 -8.58 2.69
CA THR A 113 -8.67 -9.94 2.82
C THR A 113 -8.86 -10.34 4.32
N TYR A 114 -7.89 -10.01 5.18
CA TYR A 114 -7.92 -10.35 6.62
C TYR A 114 -9.16 -9.70 7.30
N LEU A 115 -9.42 -8.42 6.99
CA LEU A 115 -10.61 -7.68 7.48
C LEU A 115 -11.92 -8.38 7.08
N LEU A 116 -12.04 -8.81 5.81
CA LEU A 116 -13.26 -9.50 5.35
C LEU A 116 -13.39 -10.90 5.99
N TYR A 117 -12.25 -11.57 6.21
CA TYR A 117 -12.18 -12.88 6.84
C TYR A 117 -12.53 -12.82 8.32
N SER A 118 -12.30 -11.66 8.99
CA SER A 118 -12.65 -11.42 10.40
C SER A 118 -14.19 -11.43 10.61
N ARG A 119 -14.95 -11.38 9.49
CA ARG A 119 -16.42 -11.38 9.41
C ARG A 119 -16.95 -12.79 9.03
N LEU A 120 -16.03 -13.75 8.82
CA LEU A 120 -16.33 -15.15 8.50
C LEU A 120 -15.90 -16.01 9.70
N GLU A 121 -16.51 -17.19 9.87
CA GLU A 121 -16.16 -18.00 11.04
C GLU A 121 -14.82 -18.71 10.91
N THR A 122 -14.28 -18.88 9.67
CA THR A 122 -12.93 -19.46 9.50
C THR A 122 -11.86 -18.37 9.66
N GLY A 123 -10.62 -18.77 9.91
CA GLY A 123 -9.50 -17.86 10.13
C GLY A 123 -9.75 -16.92 11.30
N PRO A 124 -9.55 -15.59 11.15
CA PRO A 124 -9.79 -14.69 12.29
C PRO A 124 -11.27 -14.47 12.65
N LYS A 125 -11.50 -14.17 13.95
CA LYS A 125 -12.79 -13.85 14.53
C LYS A 125 -12.89 -12.31 14.61
N HIS A 126 -13.96 -11.77 15.26
CA HIS A 126 -14.20 -10.34 15.43
C HIS A 126 -12.95 -9.58 15.86
N ILE A 127 -12.51 -8.58 15.07
CA ILE A 127 -11.35 -7.76 15.41
C ILE A 127 -11.82 -6.69 16.38
N PRO A 128 -11.25 -6.57 17.60
CA PRO A 128 -11.71 -5.53 18.53
C PRO A 128 -11.23 -4.14 18.07
N LEU A 129 -11.88 -3.07 18.57
CA LEU A 129 -11.57 -1.69 18.22
C LEU A 129 -10.07 -1.37 18.29
N GLN A 130 -9.43 -1.75 19.42
CA GLN A 130 -8.02 -1.56 19.71
C GLN A 130 -7.11 -2.16 18.65
N THR A 131 -7.41 -3.40 18.17
CA THR A 131 -6.61 -4.04 17.12
C THR A 131 -6.78 -3.25 15.80
N LEU A 132 -7.98 -2.75 15.50
CA LEU A 132 -8.22 -1.93 14.28
C LEU A 132 -7.39 -0.63 14.29
N LEU A 133 -7.35 0.03 15.46
CA LEU A 133 -6.58 1.26 15.66
C LEU A 133 -5.09 1.04 15.55
N LYS A 134 -4.58 -0.13 16.05
CA LYS A 134 -3.16 -0.55 15.93
C LYS A 134 -2.79 -0.65 14.44
N PHE A 135 -3.69 -1.22 13.60
CA PHE A 135 -3.52 -1.34 12.12
C PHE A 135 -3.26 0.04 11.49
N MET A 136 -4.13 1.02 11.81
CA MET A 136 -4.06 2.42 11.39
C MET A 136 -2.75 3.08 11.86
N VAL A 137 -2.38 2.85 13.16
CA VAL A 137 -1.15 3.32 13.85
C VAL A 137 0.07 2.85 13.08
N ASP A 138 0.06 1.56 12.66
CA ASP A 138 1.11 0.92 11.89
C ASP A 138 1.25 1.55 10.51
N ILE A 139 0.13 1.75 9.78
CA ILE A 139 0.14 2.35 8.43
C ILE A 139 0.69 3.79 8.50
N ALA A 140 0.17 4.61 9.44
CA ALA A 140 0.57 5.98 9.73
C ALA A 140 2.05 6.14 10.03
N LEU A 141 2.68 5.21 10.82
CA LEU A 141 4.12 5.22 11.13
C LEU A 141 4.96 4.95 9.84
N GLY A 142 4.54 3.99 9.04
CA GLY A 142 5.21 3.64 7.81
C GLY A 142 5.12 4.74 6.78
N MET A 143 3.95 5.42 6.72
CA MET A 143 3.71 6.55 5.83
C MET A 143 4.54 7.77 6.25
N GLU A 144 4.61 8.04 7.57
CA GLU A 144 5.39 9.14 8.18
C GLU A 144 6.88 9.01 7.85
N TYR A 145 7.40 7.76 7.90
CA TYR A 145 8.78 7.43 7.59
C TYR A 145 9.06 7.72 6.10
N LEU A 146 8.09 7.39 5.23
CA LEU A 146 8.18 7.63 3.78
C LEU A 146 8.20 9.12 3.40
N SER A 147 7.32 9.94 4.00
CA SER A 147 7.27 11.38 3.72
C SER A 147 8.43 12.18 4.34
N ASN A 148 9.06 11.64 5.41
CA ASN A 148 10.23 12.28 6.02
C ASN A 148 11.48 12.02 5.17
N ARG A 149 11.30 11.30 4.04
CA ARG A 149 12.30 10.94 3.03
C ARG A 149 11.83 11.40 1.62
N ASN A 150 10.66 12.10 1.54
CA ASN A 150 10.02 12.69 0.36
C ASN A 150 9.66 11.68 -0.73
N PHE A 151 9.30 10.45 -0.30
CA PHE A 151 8.89 9.35 -1.16
C PHE A 151 7.37 9.26 -1.15
N LEU A 152 6.76 9.28 -2.34
CA LEU A 152 5.32 9.17 -2.52
C LEU A 152 4.93 7.75 -2.81
N HIS A 153 3.99 7.19 -2.02
CA HIS A 153 3.49 5.82 -2.19
C HIS A 153 2.80 5.64 -3.54
N ARG A 154 1.79 6.50 -3.85
CA ARG A 154 0.99 6.61 -5.08
C ARG A 154 -0.13 5.56 -5.25
N ASP A 155 -0.15 4.51 -4.42
CA ASP A 155 -1.18 3.46 -4.49
C ASP A 155 -1.48 2.89 -3.10
N LEU A 156 -1.68 3.78 -2.12
CA LEU A 156 -2.00 3.33 -0.77
C LEU A 156 -3.48 2.94 -0.66
N ALA A 157 -3.74 1.71 -0.18
CA ALA A 157 -5.07 1.09 -0.04
C ALA A 157 -4.87 -0.16 0.83
N ALA A 158 -5.97 -0.68 1.46
CA ALA A 158 -5.90 -1.85 2.34
C ALA A 158 -5.38 -3.15 1.68
N ARG A 159 -5.55 -3.26 0.36
CA ARG A 159 -5.08 -4.41 -0.43
C ARG A 159 -3.55 -4.36 -0.64
N ASN A 160 -2.93 -3.19 -0.38
CA ASN A 160 -1.51 -2.88 -0.54
C ASN A 160 -0.77 -2.72 0.79
N CYS A 161 -1.42 -3.17 1.88
CA CYS A 161 -0.87 -3.21 3.21
C CYS A 161 -0.82 -4.72 3.54
N MET A 162 0.35 -5.20 3.97
CA MET A 162 0.59 -6.62 4.30
C MET A 162 0.72 -6.81 5.80
N LEU A 163 0.28 -7.99 6.32
CA LEU A 163 0.45 -8.39 7.71
C LEU A 163 1.71 -9.25 7.86
N ARG A 164 2.61 -8.81 8.74
CA ARG A 164 3.86 -9.51 9.00
C ARG A 164 3.60 -10.69 9.95
N ASP A 165 4.64 -11.51 10.21
CA ASP A 165 4.54 -12.68 11.08
C ASP A 165 4.22 -12.34 12.53
N ASP A 166 4.58 -11.12 13.02
CA ASP A 166 4.22 -10.69 14.38
C ASP A 166 2.82 -10.01 14.44
N MET A 167 2.16 -9.90 13.26
CA MET A 167 0.83 -9.30 13.03
C MET A 167 0.86 -7.75 13.05
N THR A 168 2.02 -7.16 12.70
CA THR A 168 2.17 -5.72 12.52
C THR A 168 2.04 -5.51 11.01
N VAL A 169 1.40 -4.42 10.63
CA VAL A 169 1.12 -4.07 9.23
C VAL A 169 2.26 -3.23 8.71
N CYS A 170 2.63 -3.48 7.43
CA CYS A 170 3.60 -2.71 6.69
C CYS A 170 2.95 -2.25 5.38
N VAL A 171 3.40 -1.10 4.85
CA VAL A 171 2.93 -0.58 3.57
C VAL A 171 3.71 -1.29 2.43
N ALA A 172 3.02 -1.62 1.32
CA ALA A 172 3.62 -2.33 0.20
C ALA A 172 3.06 -1.87 -1.15
N ASP A 173 3.44 -2.59 -2.23
CA ASP A 173 2.96 -2.42 -3.59
C ASP A 173 2.83 -0.96 -4.06
N PHE A 174 3.95 -0.24 -4.01
CA PHE A 174 4.04 1.17 -4.41
C PHE A 174 3.78 1.30 -5.91
N GLY A 175 3.16 2.41 -6.29
CA GLY A 175 2.86 2.77 -7.67
C GLY A 175 4.01 3.53 -8.30
N LEU A 176 3.98 3.71 -9.64
CA LEU A 176 5.05 4.41 -10.36
C LEU A 176 4.54 5.46 -11.36
N SER A 177 5.47 6.28 -11.94
CA SER A 177 5.17 7.34 -12.92
C SER A 177 6.26 7.44 -14.00
N PRO A 195 -7.07 2.96 -9.41
CA PRO A 195 -8.43 2.86 -8.86
C PRO A 195 -8.94 4.20 -8.35
N VAL A 196 -9.91 4.75 -9.09
CA VAL A 196 -10.58 6.04 -8.91
C VAL A 196 -10.97 6.35 -7.47
N LYS A 197 -11.45 5.36 -6.73
CA LYS A 197 -12.02 5.54 -5.38
C LYS A 197 -11.00 5.85 -4.23
N TRP A 198 -9.69 5.89 -4.56
CA TRP A 198 -8.60 6.22 -3.62
C TRP A 198 -7.84 7.47 -4.03
N ILE A 199 -8.10 7.96 -5.25
CA ILE A 199 -7.47 9.13 -5.85
C ILE A 199 -8.08 10.44 -5.34
N ALA A 200 -7.22 11.35 -4.88
CA ALA A 200 -7.60 12.69 -4.39
C ALA A 200 -8.26 13.51 -5.51
N ILE A 201 -9.23 14.38 -5.14
CA ILE A 201 -10.03 15.24 -6.03
C ILE A 201 -9.15 16.04 -7.04
N GLU A 202 -8.07 16.68 -6.54
CA GLU A 202 -7.15 17.48 -7.35
C GLU A 202 -6.33 16.63 -8.34
N SER A 203 -6.11 15.35 -8.01
CA SER A 203 -5.37 14.39 -8.84
C SER A 203 -6.27 13.83 -9.95
N LEU A 204 -7.59 13.90 -9.78
CA LEU A 204 -8.51 13.45 -10.82
C LEU A 204 -8.63 14.51 -11.93
N ALA A 205 -8.54 15.79 -11.54
CA ALA A 205 -8.64 16.94 -12.45
C ALA A 205 -7.31 17.36 -13.08
N ASP A 206 -6.24 17.49 -12.25
CA ASP A 206 -4.92 17.96 -12.67
C ASP A 206 -3.86 16.86 -12.85
N ARG A 207 -4.15 15.62 -12.38
CA ARG A 207 -3.24 14.45 -12.42
C ARG A 207 -1.93 14.70 -11.62
N VAL A 208 -1.92 15.78 -10.80
CA VAL A 208 -0.81 16.21 -9.96
C VAL A 208 -0.83 15.41 -8.65
N TYR A 209 0.24 14.62 -8.39
CA TYR A 209 0.32 13.81 -7.17
C TYR A 209 1.38 14.36 -6.21
N THR A 210 0.94 14.71 -4.97
CA THR A 210 1.76 15.25 -3.88
C THR A 210 1.57 14.40 -2.62
N SER A 211 2.19 14.81 -1.50
CA SER A 211 2.11 14.13 -0.21
C SER A 211 0.70 14.13 0.39
N LYS A 212 -0.10 15.15 0.05
CA LYS A 212 -1.49 15.30 0.51
C LYS A 212 -2.47 14.36 -0.22
N SER A 213 -2.06 13.89 -1.42
CA SER A 213 -2.81 12.90 -2.22
C SER A 213 -2.67 11.52 -1.55
N ASP A 214 -1.51 11.29 -0.87
CA ASP A 214 -1.22 10.08 -0.08
C ASP A 214 -2.02 10.18 1.23
N VAL A 215 -2.16 11.40 1.78
CA VAL A 215 -2.96 11.69 2.98
C VAL A 215 -4.45 11.41 2.65
N TRP A 216 -4.90 11.73 1.41
CA TRP A 216 -6.28 11.43 0.95
C TRP A 216 -6.50 9.91 1.00
N ALA A 217 -5.67 9.15 0.24
CA ALA A 217 -5.63 7.68 0.16
C ALA A 217 -5.57 7.01 1.55
N PHE A 218 -4.85 7.63 2.51
CA PHE A 218 -4.73 7.13 3.87
C PHE A 218 -6.06 7.24 4.61
N GLY A 219 -6.80 8.32 4.37
CA GLY A 219 -8.14 8.53 4.95
C GLY A 219 -9.15 7.50 4.46
N VAL A 220 -9.06 7.12 3.16
CA VAL A 220 -9.91 6.10 2.52
C VAL A 220 -9.57 4.71 3.14
N THR A 221 -8.25 4.41 3.29
CA THR A 221 -7.72 3.18 3.89
C THR A 221 -8.26 3.06 5.34
N MET A 222 -8.28 4.20 6.09
CA MET A 222 -8.80 4.27 7.46
C MET A 222 -10.27 3.81 7.47
N TRP A 223 -11.06 4.32 6.50
CA TRP A 223 -12.47 3.99 6.30
C TRP A 223 -12.63 2.50 5.96
N GLU A 224 -11.74 1.92 5.13
CA GLU A 224 -11.73 0.46 4.83
C GLU A 224 -11.58 -0.37 6.13
N ILE A 225 -10.63 0.02 7.00
CA ILE A 225 -10.36 -0.64 8.28
C ILE A 225 -11.58 -0.52 9.22
N ALA A 226 -12.08 0.74 9.45
CA ALA A 226 -13.24 1.03 10.29
C ALA A 226 -14.55 0.38 9.84
N THR A 227 -14.70 0.09 8.51
CA THR A 227 -15.89 -0.58 7.97
C THR A 227 -15.66 -2.10 7.87
N ARG A 228 -14.43 -2.55 8.22
CA ARG A 228 -14.01 -3.95 8.18
C ARG A 228 -14.09 -4.55 6.74
N GLY A 229 -13.58 -3.81 5.76
CA GLY A 229 -13.47 -4.27 4.38
C GLY A 229 -14.39 -3.72 3.31
N MET A 230 -15.30 -2.77 3.64
CA MET A 230 -16.24 -2.19 2.66
C MET A 230 -15.56 -1.51 1.48
N THR A 231 -16.14 -1.67 0.30
CA THR A 231 -15.70 -0.98 -0.91
C THR A 231 -16.13 0.50 -0.73
N PRO A 232 -15.20 1.47 -0.91
CA PRO A 232 -15.57 2.89 -0.77
C PRO A 232 -16.71 3.35 -1.66
N TYR A 233 -17.57 4.24 -1.13
CA TYR A 233 -18.71 4.88 -1.79
C TYR A 233 -19.76 3.87 -2.29
N PRO A 234 -20.39 3.07 -1.38
CA PRO A 234 -21.44 2.15 -1.83
C PRO A 234 -22.55 2.85 -2.65
N GLY A 235 -22.89 2.25 -3.79
CA GLY A 235 -23.91 2.77 -4.68
C GLY A 235 -23.39 3.65 -5.80
N VAL A 236 -22.31 4.42 -5.55
CA VAL A 236 -21.71 5.32 -6.54
C VAL A 236 -20.82 4.48 -7.47
N GLN A 237 -21.00 4.64 -8.79
CA GLN A 237 -20.20 3.91 -9.78
C GLN A 237 -18.89 4.67 -10.07
N ASN A 238 -17.85 3.95 -10.51
CA ASN A 238 -16.52 4.52 -10.79
C ASN A 238 -16.50 5.76 -11.69
N HIS A 239 -17.22 5.71 -12.83
CA HIS A 239 -17.25 6.82 -13.79
C HIS A 239 -17.89 8.11 -13.28
N GLU A 240 -18.73 8.04 -12.24
CA GLU A 240 -19.41 9.23 -11.70
C GLU A 240 -18.73 9.79 -10.42
N MET A 241 -17.56 9.26 -10.04
CA MET A 241 -16.80 9.67 -8.85
C MET A 241 -16.33 11.14 -8.84
N TYR A 242 -15.70 11.62 -9.93
CA TYR A 242 -15.19 13.00 -9.98
C TYR A 242 -16.24 14.06 -9.71
N ASP A 243 -17.42 13.91 -10.35
CA ASP A 243 -18.52 14.86 -10.20
C ASP A 243 -19.14 14.80 -8.81
N TYR A 244 -19.20 13.60 -8.23
CA TYR A 244 -19.74 13.33 -6.90
C TYR A 244 -18.91 14.09 -5.82
N LEU A 245 -17.58 14.01 -5.91
CA LEU A 245 -16.64 14.70 -5.02
C LEU A 245 -16.67 16.21 -5.27
N LEU A 246 -16.90 16.61 -6.55
CA LEU A 246 -16.95 18.01 -6.97
C LEU A 246 -18.05 18.76 -6.22
N HIS A 247 -19.14 18.04 -5.89
CA HIS A 247 -20.29 18.58 -5.18
C HIS A 247 -20.14 18.59 -3.65
N GLY A 248 -18.96 18.24 -3.15
CA GLY A 248 -18.65 18.22 -1.73
C GLY A 248 -19.04 16.96 -0.99
N HIS A 249 -19.37 15.88 -1.74
CA HIS A 249 -19.74 14.59 -1.14
C HIS A 249 -18.49 13.80 -0.75
N ARG A 250 -18.51 13.20 0.44
CA ARG A 250 -17.40 12.42 1.02
C ARG A 250 -17.94 11.14 1.69
N LEU A 251 -17.05 10.17 1.99
CA LEU A 251 -17.43 8.88 2.58
C LEU A 251 -18.26 9.07 3.86
N LYS A 252 -19.40 8.39 3.95
CA LYS A 252 -20.25 8.56 5.13
C LYS A 252 -19.70 7.85 6.36
N GLN A 253 -19.93 8.44 7.54
CA GLN A 253 -19.48 7.92 8.83
C GLN A 253 -20.03 6.51 9.09
N PRO A 254 -19.15 5.51 9.36
CA PRO A 254 -19.65 4.14 9.58
C PRO A 254 -20.49 3.99 10.84
N GLU A 255 -21.27 2.88 10.93
CA GLU A 255 -22.06 2.49 12.10
C GLU A 255 -21.07 2.17 13.25
N ASP A 256 -21.40 2.60 14.49
CA ASP A 256 -20.56 2.39 15.69
C ASP A 256 -19.11 2.97 15.60
N CYS A 257 -18.81 3.81 14.58
CA CYS A 257 -17.53 4.50 14.47
C CYS A 257 -17.57 5.72 15.39
N LEU A 258 -16.59 5.84 16.29
CA LEU A 258 -16.46 6.97 17.23
C LEU A 258 -16.28 8.28 16.46
N ASP A 259 -16.93 9.34 16.93
CA ASP A 259 -16.94 10.68 16.33
C ASP A 259 -15.53 11.26 16.11
N GLU A 260 -14.66 11.11 17.14
CA GLU A 260 -13.28 11.59 17.11
C GLU A 260 -12.49 10.91 16.00
N LEU A 261 -12.73 9.58 15.81
CA LEU A 261 -12.12 8.75 14.78
C LEU A 261 -12.58 9.17 13.37
N TYR A 262 -13.88 9.51 13.20
CA TYR A 262 -14.38 9.93 11.89
C TYR A 262 -13.84 11.30 11.51
N GLU A 263 -13.68 12.20 12.49
CA GLU A 263 -13.10 13.53 12.27
C GLU A 263 -11.63 13.42 11.80
N ILE A 264 -10.90 12.36 12.22
CA ILE A 264 -9.51 12.13 11.80
C ILE A 264 -9.45 11.79 10.31
N MET A 265 -10.28 10.82 9.86
CA MET A 265 -10.31 10.45 8.43
C MET A 265 -10.93 11.55 7.57
N TYR A 266 -11.88 12.32 8.14
CA TYR A 266 -12.55 13.42 7.44
C TYR A 266 -11.58 14.52 7.06
N SER A 267 -10.64 14.87 7.97
CA SER A 267 -9.61 15.89 7.75
C SER A 267 -8.67 15.56 6.57
N CYS A 268 -8.63 14.29 6.13
CA CYS A 268 -7.80 13.84 4.99
C CYS A 268 -8.40 14.20 3.65
N TRP A 269 -9.70 14.54 3.63
CA TRP A 269 -10.43 14.77 2.37
C TRP A 269 -10.83 16.24 2.09
N ARG A 270 -10.22 17.22 2.81
CA ARG A 270 -10.48 18.65 2.57
C ARG A 270 -10.18 19.00 1.11
N THR A 271 -11.08 19.78 0.46
CA THR A 271 -10.96 20.20 -0.93
C THR A 271 -9.58 20.83 -1.20
N ASP A 272 -9.13 21.80 -0.37
CA ASP A 272 -7.81 22.40 -0.53
C ASP A 272 -6.77 21.44 0.08
N PRO A 273 -5.80 20.89 -0.71
CA PRO A 273 -4.82 19.97 -0.12
C PRO A 273 -3.95 20.59 0.97
N LEU A 274 -3.85 21.93 0.99
CA LEU A 274 -3.11 22.69 1.98
C LEU A 274 -3.82 22.67 3.35
N ASP A 275 -5.10 22.28 3.38
CA ASP A 275 -5.92 22.15 4.59
C ASP A 275 -5.78 20.75 5.21
N ARG A 276 -5.18 19.79 4.48
CA ARG A 276 -5.01 18.41 4.97
C ARG A 276 -3.89 18.31 6.00
N PRO A 277 -4.02 17.46 7.05
CA PRO A 277 -2.92 17.35 8.04
C PRO A 277 -1.74 16.52 7.54
N THR A 278 -0.55 16.67 8.17
CA THR A 278 0.65 15.90 7.83
C THR A 278 0.56 14.48 8.43
N PHE A 279 1.45 13.56 8.01
CA PHE A 279 1.44 12.19 8.54
C PHE A 279 1.85 12.11 10.03
N SER A 280 2.71 13.05 10.49
CA SER A 280 3.14 13.16 11.88
C SER A 280 1.96 13.56 12.79
N VAL A 281 1.07 14.45 12.30
CA VAL A 281 -0.12 14.88 13.03
C VAL A 281 -1.15 13.74 13.14
N LEU A 282 -1.41 13.01 12.04
CA LEU A 282 -2.35 11.87 12.03
C LEU A 282 -1.92 10.75 12.98
N ARG A 283 -0.64 10.30 12.88
CA ARG A 283 0.00 9.28 13.72
C ARG A 283 -0.19 9.66 15.20
N LEU A 284 0.08 10.93 15.53
CA LEU A 284 -0.07 11.49 16.86
C LEU A 284 -1.48 11.46 17.37
N GLN A 285 -2.45 11.67 16.47
CA GLN A 285 -3.88 11.69 16.76
C GLN A 285 -4.39 10.29 17.12
N LEU A 286 -4.10 9.30 16.27
CA LEU A 286 -4.47 7.90 16.45
C LEU A 286 -3.81 7.26 17.69
N GLU A 287 -2.48 7.50 17.91
CA GLU A 287 -1.77 6.96 19.08
C GLU A 287 -2.39 7.52 20.38
N LYS A 288 -2.76 8.81 20.40
CA LYS A 288 -3.40 9.46 21.54
C LYS A 288 -4.83 8.92 21.73
N LEU A 289 -5.52 8.52 20.65
CA LEU A 289 -6.86 7.96 20.81
C LEU A 289 -6.85 6.51 21.34
N LEU A 290 -5.90 5.67 20.87
CA LEU A 290 -5.79 4.26 21.29
C LEU A 290 -5.45 4.17 22.78
N GLU A 291 -4.54 5.04 23.21
CA GLU A 291 -4.10 5.15 24.58
C GLU A 291 -5.23 5.71 25.50
N SER A 292 -6.30 6.32 24.92
CA SER A 292 -7.46 6.83 25.68
C SER A 292 -8.54 5.76 25.90
N LEU A 293 -8.48 4.64 25.14
CA LEU A 293 -9.42 3.51 25.24
C LEU A 293 -9.03 2.54 26.39
N PRO A 294 -9.96 1.70 26.94
CA PRO A 294 -9.58 0.80 28.05
C PRO A 294 -8.78 -0.45 27.65
N ASP A 295 -8.10 -0.38 26.46
CA ASP A 295 -7.23 -1.38 25.80
C ASP A 295 -6.69 -2.48 26.72
#